data_3DKN
#
_entry.id   3DKN
#
_cell.length_a   1.000
_cell.length_b   1.000
_cell.length_c   1.000
_cell.angle_alpha   90.00
_cell.angle_beta   90.00
_cell.angle_gamma   90.00
#
_symmetry.space_group_name_H-M   'P 1'
#
loop_
_entity.id
_entity.type
_entity.pdbx_description
1 polymer "RNA (5'-R(P*CP*GP*UP*GP*CP*CP*AP*AP*GP*CP*UP*GP*CP*GP*AP*UP*AP*AP*GP*C)-3')"
2 polymer "RNA (5'-R(P*AP*GP*CP*CP*GP*CP*AP*CP*GP*GP*AP*GP*GP*CP*GP*AP*A)-3')"
3 polymer 'RNA (32-MER)'
4 polymer 'Preprotein translocase subunit secY'
5 polymer 'Preprotein translocase subunit secE'
6 polymer 'Preprotein translocase subunit secG'
#
loop_
_entity_poly.entity_id
_entity_poly.type
_entity_poly.pdbx_seq_one_letter_code
_entity_poly.pdbx_strand_id
1 'polyribonucleotide' CGUGCCAAGCUGCGAUAAGC D
2 'polyribonucleotide' AGCCGCACGGAGGCGAA E
3 'polyribonucleotide' GGGUUCCUCAGCACUGCUGAUCAGCUGAGGGU F
4 'polypeptide(L)'
;KKLIPILEKIPEVELPVKEITFKEKLKWTGIVLVLYFIMGCIDVYTAGAQIPAIFEFWQTITASRIGTLITLGIGPIVTA
GIIMQLLVGSGIIQMDLSIPENRALFQGCQKLLSIIMCFVEAVLFVGAGAFGILTPLLAFLVIIQIAFGSIILIYLDEIV
SKYGIGSGIGLFIAAGVSQTIFVGALGPEGYLWKFLNSLIQGVPNIEYIAPIIGTIIVFLMVVYAECMRVEIPLAHGRIK
GAVGKYPIKFVYVSNIPVILAAALFANIQLWGLALYRMGIPILGHYEGGRAVDGIAYYLSTPYGLSSVISDPIHAIVYMI
AMIITCVMFGIFWVETTGLDPKSMAKRIGSLGMAIKGFRKSAIEHRLKRYIPPLTVMSSAFVGFLATIANFIGALGGGTG
VLLTVSIVYRMYEQLLREKVSELHPAIAKL
;
A
5 'polypeptide(L)' TDFNQKIEQLKEFIEECRRVWLVLKKPTKDEYLAVAKVTALGISLLGIIGYIIHVPATYIKGILK B
6 'polypeptide(L)' ETFSKIRVKPEHVIGVTVAFVIIEAILTYGRF C
#
# COMPACT_ATOMS: atom_id res chain seq x y z
N LYS D 1 -4.58 25.07 -21.47
CA LYS D 1 -3.78 24.14 -22.31
C LYS D 1 -3.03 23.13 -21.42
N LYS D 2 -2.77 21.93 -21.95
CA LYS D 2 -2.06 20.89 -21.22
C LYS D 2 -1.39 19.83 -22.09
N LEU D 3 -0.62 18.96 -21.46
CA LEU D 3 0.11 17.88 -22.14
C LEU D 3 -0.85 16.89 -22.76
N ILE D 4 -2.02 17.38 -23.13
CA ILE D 4 -3.08 16.57 -23.73
C ILE D 4 -2.69 15.71 -24.93
N PRO D 5 -1.76 16.16 -25.79
CA PRO D 5 -1.38 15.33 -26.94
C PRO D 5 -0.87 13.93 -26.58
N ILE D 6 0.31 13.85 -25.97
CA ILE D 6 0.86 12.55 -25.59
C ILE D 6 -0.07 11.92 -24.57
N LEU D 7 -0.73 12.75 -23.77
CA LEU D 7 -1.66 12.24 -22.76
C LEU D 7 -2.77 11.42 -23.43
N GLU D 8 -3.21 11.86 -24.61
CA GLU D 8 -4.25 11.18 -25.35
C GLU D 8 -3.67 9.96 -26.06
N LYS D 9 -2.34 9.91 -26.11
CA LYS D 9 -1.65 8.79 -26.75
C LYS D 9 -1.53 7.63 -25.76
N ILE D 10 -1.52 7.95 -24.46
CA ILE D 10 -1.41 6.93 -23.41
C ILE D 10 -2.67 6.08 -23.32
N PRO D 11 -2.60 4.82 -23.77
CA PRO D 11 -3.75 3.92 -23.74
C PRO D 11 -4.49 3.89 -22.41
N GLU D 12 -5.70 3.33 -22.42
CA GLU D 12 -6.55 3.21 -21.23
C GLU D 12 -7.26 1.87 -21.31
N VAL D 13 -8.28 1.69 -20.47
CA VAL D 13 -9.00 0.43 -20.47
C VAL D 13 -10.47 0.58 -20.84
N GLU D 14 -10.92 -0.26 -21.78
CA GLU D 14 -12.30 -0.24 -22.25
C GLU D 14 -13.27 -0.71 -21.16
N LEU D 15 -14.03 0.24 -20.63
CA LEU D 15 -15.00 -0.06 -19.58
C LEU D 15 -16.38 -0.39 -20.15
N PRO D 16 -16.79 -1.66 -20.08
CA PRO D 16 -18.11 -2.05 -20.61
C PRO D 16 -19.25 -1.66 -19.68
N VAL D 17 -20.33 -1.12 -20.27
CA VAL D 17 -21.50 -0.71 -19.51
C VAL D 17 -22.42 -1.94 -19.44
N LYS D 18 -21.88 -3.08 -19.88
CA LYS D 18 -22.61 -4.34 -19.89
C LYS D 18 -22.72 -4.93 -18.48
N GLU D 19 -23.21 -6.17 -18.42
CA GLU D 19 -23.37 -6.86 -17.15
C GLU D 19 -22.07 -7.55 -16.72
N ILE D 20 -21.48 -7.03 -15.64
CA ILE D 20 -20.26 -7.59 -15.08
C ILE D 20 -20.64 -8.30 -13.78
N THR D 21 -20.98 -9.57 -13.90
CA THR D 21 -21.39 -10.35 -12.75
C THR D 21 -20.35 -10.47 -11.65
N PHE D 22 -20.85 -10.51 -10.42
CA PHE D 22 -20.03 -10.66 -9.24
C PHE D 22 -19.02 -11.76 -9.56
N LYS D 23 -19.54 -12.91 -9.98
CA LYS D 23 -18.72 -14.06 -10.34
C LYS D 23 -17.60 -13.69 -11.30
N GLU D 24 -17.88 -12.76 -12.20
CA GLU D 24 -16.88 -12.33 -13.16
C GLU D 24 -15.89 -11.34 -12.56
N LYS D 25 -16.37 -10.39 -11.76
CA LYS D 25 -15.47 -9.43 -11.14
C LYS D 25 -14.45 -10.22 -10.31
N LEU D 26 -14.96 -11.26 -9.65
CA LEU D 26 -14.16 -12.15 -8.83
C LEU D 26 -13.13 -12.86 -9.68
N LYS D 27 -13.61 -13.70 -10.59
CA LYS D 27 -12.74 -14.46 -11.48
C LYS D 27 -11.71 -13.57 -12.18
N TRP D 28 -12.09 -12.34 -12.49
CA TRP D 28 -11.17 -11.41 -13.13
C TRP D 28 -10.03 -11.16 -12.16
N THR D 29 -10.38 -10.52 -11.03
CA THR D 29 -9.41 -10.21 -9.98
C THR D 29 -8.38 -11.34 -9.89
N GLY D 30 -8.88 -12.54 -9.63
CA GLY D 30 -8.01 -13.70 -9.51
C GLY D 30 -6.98 -13.89 -10.61
N ILE D 31 -7.37 -13.62 -11.85
CA ILE D 31 -6.44 -13.79 -12.94
C ILE D 31 -5.32 -12.76 -12.77
N VAL D 32 -5.68 -11.56 -12.31
CA VAL D 32 -4.65 -10.55 -12.11
C VAL D 32 -3.70 -11.06 -11.03
N LEU D 33 -4.28 -11.41 -9.88
CA LEU D 33 -3.52 -11.93 -8.75
C LEU D 33 -2.44 -12.90 -9.19
N VAL D 34 -2.83 -13.92 -9.95
CA VAL D 34 -1.85 -14.90 -10.39
C VAL D 34 -0.78 -14.34 -11.31
N LEU D 35 -1.15 -13.66 -12.38
CA LEU D 35 -0.10 -13.12 -13.24
C LEU D 35 0.92 -12.39 -12.39
N TYR D 36 0.45 -11.85 -11.26
CA TYR D 36 1.32 -11.13 -10.34
C TYR D 36 2.41 -12.03 -9.79
N PHE D 37 2.00 -13.19 -9.27
CA PHE D 37 2.95 -14.15 -8.70
C PHE D 37 3.95 -14.64 -9.76
N ILE D 38 3.44 -14.95 -10.94
CA ILE D 38 4.28 -15.43 -12.03
C ILE D 38 5.48 -14.50 -12.24
N MET D 39 5.21 -13.22 -12.45
CA MET D 39 6.26 -12.23 -12.64
C MET D 39 7.12 -12.11 -11.39
N GLY D 40 6.47 -11.93 -10.24
CA GLY D 40 7.17 -11.80 -8.98
C GLY D 40 8.15 -12.93 -8.73
N CYS D 41 7.97 -14.03 -9.45
CA CYS D 41 8.85 -15.19 -9.32
C CYS D 41 9.92 -15.21 -10.40
N ILE D 42 9.48 -15.14 -11.65
CA ILE D 42 10.41 -15.15 -12.78
C ILE D 42 11.54 -14.15 -12.56
N ASP D 43 12.77 -14.57 -12.86
CA ASP D 43 13.94 -13.71 -12.69
C ASP D 43 14.11 -12.88 -13.94
N VAL D 44 14.84 -11.79 -13.82
CA VAL D 44 15.08 -10.94 -14.97
C VAL D 44 16.23 -11.57 -15.77
N TYR D 45 16.10 -11.53 -17.09
CA TYR D 45 17.13 -12.08 -17.98
C TYR D 45 18.44 -11.33 -17.75
N THR D 46 19.39 -12.00 -17.08
CA THR D 46 20.67 -11.40 -16.80
C THR D 46 21.71 -12.45 -16.43
N ALA D 47 22.75 -12.54 -17.27
CA ALA D 47 23.83 -13.50 -17.09
C ALA D 47 24.47 -13.44 -15.70
N GLY D 48 24.58 -12.24 -15.15
CA GLY D 48 25.18 -12.09 -13.83
C GLY D 48 24.28 -12.67 -12.76
N ALA D 49 24.28 -13.99 -12.66
CA ALA D 49 23.46 -14.70 -11.68
C ALA D 49 23.80 -14.25 -10.25
N GLN D 50 24.79 -13.38 -10.13
CA GLN D 50 25.22 -12.88 -8.84
C GLN D 50 24.65 -11.48 -8.57
N ILE D 51 23.81 -11.36 -7.54
CA ILE D 51 23.19 -10.09 -7.17
C ILE D 51 23.54 -9.77 -5.70
N PRO D 52 23.93 -8.51 -5.41
CA PRO D 52 24.31 -8.00 -4.09
C PRO D 52 23.22 -7.99 -3.01
N ALA D 53 22.95 -9.16 -2.42
CA ALA D 53 21.93 -9.28 -1.38
C ALA D 53 20.62 -8.69 -1.90
N ILE D 54 19.96 -7.88 -1.08
CA ILE D 54 18.70 -7.25 -1.48
C ILE D 54 18.46 -6.00 -0.65
N PHE D 55 17.50 -5.20 -1.05
CA PHE D 55 17.15 -3.98 -0.33
C PHE D 55 15.99 -4.28 0.61
N GLU D 56 16.33 -4.75 1.81
CA GLU D 56 15.33 -5.09 2.81
C GLU D 56 14.70 -3.81 3.36
N PHE D 57 13.92 -3.14 2.51
CA PHE D 57 13.25 -1.90 2.89
C PHE D 57 12.25 -1.38 1.85
N TRP D 58 12.54 -1.64 0.59
CA TRP D 58 11.74 -1.19 -0.54
C TRP D 58 10.66 -2.18 -0.94
N GLN D 59 11.02 -3.46 -0.93
CA GLN D 59 10.07 -4.51 -1.29
C GLN D 59 8.70 -4.28 -0.64
N THR D 60 8.62 -4.54 0.66
CA THR D 60 7.39 -4.36 1.40
C THR D 60 6.50 -3.30 0.74
N ILE D 61 6.66 -2.06 1.17
CA ILE D 61 5.88 -0.95 0.62
C ILE D 61 5.66 -1.12 -0.88
N THR D 62 6.77 -1.29 -1.62
CA THR D 62 6.71 -1.45 -3.06
C THR D 62 6.15 -2.82 -3.43
N ALA D 63 5.77 -3.59 -2.43
CA ALA D 63 5.22 -4.92 -2.64
C ALA D 63 5.56 -5.44 -4.03
N SER D 64 6.84 -5.74 -4.25
CA SER D 64 7.31 -6.23 -5.54
C SER D 64 8.23 -7.44 -5.37
N ARG D 65 9.54 -7.18 -5.43
CA ARG D 65 10.53 -8.24 -5.29
C ARG D 65 11.71 -8.01 -6.22
N ILE D 66 12.87 -7.68 -5.65
CA ILE D 66 14.06 -7.43 -6.43
C ILE D 66 14.67 -8.66 -7.08
N GLY D 67 15.00 -8.52 -8.36
CA GLY D 67 15.58 -9.62 -9.13
C GLY D 67 14.59 -10.29 -10.06
N THR D 68 13.31 -9.95 -9.89
CA THR D 68 12.23 -10.52 -10.70
C THR D 68 11.64 -9.53 -11.66
N LEU D 69 10.77 -10.05 -12.54
CA LEU D 69 10.10 -9.26 -13.55
C LEU D 69 9.27 -8.14 -12.95
N ILE D 70 9.28 -8.04 -11.64
CA ILE D 70 8.52 -7.01 -10.94
C ILE D 70 9.39 -6.33 -9.87
N THR D 71 10.69 -6.43 -10.06
CA THR D 71 11.71 -5.85 -9.18
C THR D 71 11.44 -4.38 -8.82
N LEU D 72 10.57 -3.72 -9.57
CA LEU D 72 10.28 -2.33 -9.30
C LEU D 72 8.91 -2.18 -8.66
N GLY D 73 8.06 -3.18 -8.93
CA GLY D 73 6.71 -3.20 -8.38
C GLY D 73 5.92 -1.91 -8.42
N ILE D 74 4.97 -1.81 -7.49
CA ILE D 74 4.11 -0.65 -7.36
C ILE D 74 4.92 0.61 -7.09
N GLY D 75 6.20 0.44 -6.76
CA GLY D 75 7.09 1.56 -6.47
C GLY D 75 6.92 2.84 -7.28
N PRO D 76 6.93 2.76 -8.61
CA PRO D 76 6.76 3.95 -9.43
C PRO D 76 5.43 4.61 -9.11
N ILE D 77 4.35 3.90 -9.45
CA ILE D 77 2.98 4.36 -9.22
C ILE D 77 2.85 5.12 -7.93
N VAL D 78 3.47 4.59 -6.90
CA VAL D 78 3.42 5.24 -5.61
C VAL D 78 4.24 6.50 -5.70
N THR D 79 5.49 6.39 -6.16
CA THR D 79 6.33 7.57 -6.29
C THR D 79 5.49 8.68 -6.93
N ALA D 80 5.08 8.44 -8.18
CA ALA D 80 4.27 9.38 -8.93
C ALA D 80 3.21 10.03 -8.04
N GLY D 81 2.27 9.21 -7.56
CA GLY D 81 1.24 9.75 -6.71
C GLY D 81 1.81 10.65 -5.62
N ILE D 82 3.01 10.32 -5.16
CA ILE D 82 3.65 11.10 -4.11
C ILE D 82 3.92 12.53 -4.53
N ILE D 83 4.46 12.69 -5.73
CA ILE D 83 4.76 14.02 -6.26
C ILE D 83 3.46 14.81 -6.39
N MET D 84 2.52 14.28 -7.15
CA MET D 84 1.24 14.93 -7.36
C MET D 84 0.75 15.52 -6.04
N GLN D 85 0.52 14.65 -5.06
CA GLN D 85 0.06 15.09 -3.74
C GLN D 85 0.96 16.19 -3.20
N LEU D 86 2.22 16.18 -3.62
CA LEU D 86 3.20 17.17 -3.19
C LEU D 86 2.92 18.51 -3.86
N LEU D 87 2.79 18.47 -5.18
CA LEU D 87 2.51 19.69 -5.93
C LEU D 87 1.08 20.13 -5.60
N VAL D 88 0.13 19.47 -6.25
CA VAL D 88 -1.30 19.73 -6.05
C VAL D 88 -1.66 19.79 -4.57
N GLY D 89 -0.66 19.59 -3.71
CA GLY D 89 -0.89 19.61 -2.28
C GLY D 89 -0.45 20.90 -1.60
N SER D 90 0.81 21.27 -1.78
CA SER D 90 1.32 22.49 -1.16
C SER D 90 0.90 23.70 -1.99
N GLY D 91 -0.24 23.59 -2.66
CA GLY D 91 -0.76 24.68 -3.47
C GLY D 91 0.10 25.05 -4.66
N ILE D 92 1.37 24.68 -4.62
CA ILE D 92 2.32 24.98 -5.69
C ILE D 92 1.64 25.03 -7.05
N ILE D 93 0.63 24.18 -7.22
CA ILE D 93 -0.08 24.14 -8.49
C ILE D 93 -1.57 23.98 -8.21
N GLN D 94 -2.08 24.88 -7.37
CA GLN D 94 -3.48 24.92 -6.97
C GLN D 94 -4.41 24.45 -8.07
N MET D 95 -5.29 23.52 -7.72
CA MET D 95 -6.27 22.96 -8.65
C MET D 95 -7.57 22.61 -7.93
N ASP D 96 -8.69 23.04 -8.49
CA ASP D 96 -10.00 22.74 -7.91
C ASP D 96 -10.62 21.68 -8.80
N LEU D 97 -10.29 20.42 -8.49
CA LEU D 97 -10.76 19.27 -9.25
C LEU D 97 -12.22 19.26 -9.65
N SER D 98 -13.11 19.62 -8.72
CA SER D 98 -14.55 19.66 -8.96
C SER D 98 -14.91 19.31 -10.40
N ILE D 99 -14.55 20.19 -11.33
CA ILE D 99 -14.83 19.98 -12.74
C ILE D 99 -14.17 18.72 -13.27
N PRO D 100 -14.87 17.97 -14.13
CA PRO D 100 -14.27 16.74 -14.68
C PRO D 100 -12.91 17.05 -15.32
N GLU D 101 -12.60 18.33 -15.48
CA GLU D 101 -11.31 18.74 -16.04
C GLU D 101 -10.24 18.42 -15.02
N ASN D 102 -10.06 19.32 -14.06
CA ASN D 102 -9.07 19.16 -13.01
C ASN D 102 -9.01 17.72 -12.50
N ARG D 103 -10.17 17.11 -12.30
CA ARG D 103 -10.22 15.73 -11.84
C ARG D 103 -9.42 14.86 -12.80
N ALA D 104 -9.85 14.83 -14.06
CA ALA D 104 -9.19 14.03 -15.11
C ALA D 104 -7.81 14.55 -15.51
N LEU D 105 -7.50 15.76 -15.04
CA LEU D 105 -6.21 16.39 -15.33
C LEU D 105 -5.24 15.83 -14.30
N PHE D 106 -5.59 16.01 -13.03
CA PHE D 106 -4.79 15.51 -11.93
C PHE D 106 -4.47 14.05 -12.19
N GLN D 107 -5.49 13.30 -12.57
CA GLN D 107 -5.34 11.89 -12.86
C GLN D 107 -4.46 11.68 -14.11
N GLY D 108 -5.07 11.70 -15.29
CA GLY D 108 -4.31 11.49 -16.53
C GLY D 108 -2.84 11.86 -16.38
N CYS D 109 -2.61 13.06 -15.89
CA CYS D 109 -1.26 13.60 -15.67
C CYS D 109 -0.44 12.62 -14.84
N GLN D 110 -0.88 12.40 -13.61
CA GLN D 110 -0.19 11.48 -12.70
C GLN D 110 0.12 10.15 -13.38
N LYS D 111 -0.87 9.62 -14.10
CA LYS D 111 -0.69 8.34 -14.79
C LYS D 111 0.59 8.40 -15.64
N LEU D 112 0.65 9.41 -16.49
CA LEU D 112 1.82 9.60 -17.34
C LEU D 112 3.08 9.50 -16.47
N LEU D 113 3.23 10.47 -15.58
CA LEU D 113 4.38 10.54 -14.68
C LEU D 113 4.71 9.16 -14.14
N SER D 114 3.68 8.36 -13.91
CA SER D 114 3.91 7.03 -13.40
C SER D 114 4.81 6.27 -14.38
N ILE D 115 4.55 6.43 -15.69
CA ILE D 115 5.40 5.74 -16.68
C ILE D 115 6.80 6.37 -16.70
N ILE D 116 6.84 7.67 -16.42
CA ILE D 116 8.12 8.38 -16.37
C ILE D 116 8.89 7.77 -15.21
N MET D 117 8.29 7.82 -14.02
CA MET D 117 8.89 7.26 -12.81
C MET D 117 9.13 5.77 -12.98
N CYS D 118 8.43 5.16 -13.93
CA CYS D 118 8.57 3.74 -14.22
C CYS D 118 10.00 3.49 -14.68
N PHE D 119 10.42 4.23 -15.70
CA PHE D 119 11.79 4.08 -16.19
C PHE D 119 12.82 4.64 -15.22
N VAL D 120 12.62 5.87 -14.77
CA VAL D 120 13.52 6.50 -13.82
C VAL D 120 13.94 5.52 -12.73
N GLU D 121 12.96 4.97 -12.02
CA GLU D 121 13.23 4.02 -10.94
C GLU D 121 14.09 2.89 -11.51
N ALA D 122 13.68 2.35 -12.65
CA ALA D 122 14.40 1.26 -13.29
C ALA D 122 15.89 1.56 -13.34
N VAL D 123 16.21 2.64 -14.03
CA VAL D 123 17.58 3.11 -14.19
C VAL D 123 18.20 3.36 -12.81
N LEU D 124 17.46 4.06 -11.96
CA LEU D 124 17.93 4.38 -10.63
C LEU D 124 18.26 3.09 -9.91
N PHE D 125 17.46 2.06 -10.12
CA PHE D 125 17.69 0.80 -9.44
C PHE D 125 19.03 0.22 -9.82
N VAL D 126 19.20 -0.05 -11.11
CA VAL D 126 20.44 -0.61 -11.58
C VAL D 126 21.57 0.36 -11.23
N GLY D 127 21.30 1.65 -11.38
CA GLY D 127 22.29 2.68 -11.08
C GLY D 127 22.63 2.72 -9.60
N ALA D 128 21.81 2.08 -8.79
CA ALA D 128 22.05 2.03 -7.34
C ALA D 128 22.81 0.76 -7.07
N GLY D 129 23.12 0.03 -8.13
CA GLY D 129 23.86 -1.21 -7.97
C GLY D 129 23.01 -2.29 -7.33
N ALA D 130 21.85 -2.51 -7.94
CA ALA D 130 20.92 -3.51 -7.45
C ALA D 130 21.25 -4.87 -8.01
N PHE D 131 22.14 -4.91 -8.99
CA PHE D 131 22.48 -6.18 -9.60
C PHE D 131 23.98 -6.51 -9.64
N GLY D 132 24.84 -5.50 -9.58
CA GLY D 132 26.27 -5.75 -9.56
C GLY D 132 27.08 -5.54 -10.83
N ILE D 133 26.63 -6.10 -11.95
CA ILE D 133 27.32 -5.97 -13.23
C ILE D 133 26.71 -4.86 -14.08
N LEU D 134 27.40 -3.72 -14.14
CA LEU D 134 26.92 -2.57 -14.91
C LEU D 134 27.33 -2.61 -16.38
N THR D 135 27.23 -3.78 -17.02
CA THR D 135 27.58 -3.92 -18.44
C THR D 135 26.65 -2.99 -19.21
N PRO D 136 27.10 -1.76 -19.52
CA PRO D 136 26.26 -0.81 -20.26
C PRO D 136 25.27 -1.48 -21.20
N LEU D 137 25.70 -2.54 -21.86
CA LEU D 137 24.83 -3.27 -22.76
C LEU D 137 23.79 -4.04 -21.96
N LEU D 138 24.27 -4.95 -21.12
CA LEU D 138 23.40 -5.76 -20.28
C LEU D 138 22.54 -4.87 -19.38
N ALA D 139 23.15 -3.83 -18.81
CA ALA D 139 22.45 -2.88 -17.94
C ALA D 139 21.21 -2.37 -18.66
N PHE D 140 21.42 -1.84 -19.86
CA PHE D 140 20.31 -1.33 -20.66
C PHE D 140 19.20 -2.38 -20.75
N LEU D 141 19.56 -3.57 -21.24
CA LEU D 141 18.60 -4.66 -21.39
C LEU D 141 17.71 -4.84 -20.15
N VAL D 142 18.37 -5.00 -19.01
CA VAL D 142 17.69 -5.17 -17.74
C VAL D 142 16.65 -4.07 -17.56
N ILE D 143 17.11 -2.83 -17.36
CA ILE D 143 16.21 -1.69 -17.19
C ILE D 143 14.95 -1.87 -18.03
N ILE D 144 15.13 -2.22 -19.30
CA ILE D 144 14.00 -2.44 -20.21
C ILE D 144 12.98 -3.30 -19.48
N GLN D 145 13.28 -4.58 -19.38
CA GLN D 145 12.40 -5.54 -18.74
C GLN D 145 11.78 -4.97 -17.44
N ILE D 146 12.65 -4.60 -16.52
CA ILE D 146 12.26 -4.03 -15.24
C ILE D 146 11.06 -3.09 -15.34
N ALA D 147 11.30 -1.88 -15.80
CA ALA D 147 10.22 -0.89 -15.92
C ALA D 147 9.03 -1.40 -16.72
N PHE D 148 9.27 -2.25 -17.72
CA PHE D 148 8.18 -2.78 -18.54
C PHE D 148 7.28 -3.71 -17.72
N GLY D 149 7.88 -4.41 -16.77
CA GLY D 149 7.08 -5.30 -15.93
C GLY D 149 6.17 -4.44 -15.08
N SER D 150 6.75 -3.40 -14.47
CA SER D 150 5.98 -2.47 -13.64
C SER D 150 4.83 -1.89 -14.47
N ILE D 151 5.09 -1.67 -15.75
CA ILE D 151 4.09 -1.14 -16.67
C ILE D 151 2.89 -2.08 -16.64
N ILE D 152 3.14 -3.36 -16.93
CA ILE D 152 2.08 -4.37 -16.91
C ILE D 152 1.20 -4.21 -15.67
N LEU D 153 1.82 -3.98 -14.52
CA LEU D 153 1.06 -3.82 -13.29
C LEU D 153 0.14 -2.61 -13.42
N ILE D 154 0.70 -1.49 -13.88
CA ILE D 154 -0.07 -0.26 -14.06
C ILE D 154 -1.33 -0.55 -14.86
N TYR D 155 -1.21 -1.44 -15.84
CA TYR D 155 -2.36 -1.80 -16.64
C TYR D 155 -3.18 -2.89 -15.99
N LEU D 156 -2.52 -3.75 -15.21
CA LEU D 156 -3.24 -4.80 -14.51
C LEU D 156 -4.06 -4.14 -13.41
N ASP D 157 -3.54 -3.05 -12.86
CA ASP D 157 -4.26 -2.32 -11.84
C ASP D 157 -5.52 -1.83 -12.52
N GLU D 158 -5.34 -1.12 -13.65
CA GLU D 158 -6.47 -0.60 -14.40
C GLU D 158 -7.52 -1.69 -14.58
N ILE D 159 -7.10 -2.87 -15.04
CA ILE D 159 -8.02 -3.98 -15.24
C ILE D 159 -8.85 -4.25 -13.98
N VAL D 160 -8.17 -4.68 -12.92
CA VAL D 160 -8.86 -4.96 -11.67
C VAL D 160 -9.82 -3.79 -11.36
N SER D 161 -9.26 -2.59 -11.41
CA SER D 161 -9.97 -1.33 -11.15
C SER D 161 -11.29 -1.16 -11.91
N LYS D 162 -11.43 -1.87 -13.02
CA LYS D 162 -12.63 -1.74 -13.85
C LYS D 162 -13.18 -3.07 -14.34
N TYR D 163 -12.72 -4.18 -13.76
CA TYR D 163 -13.19 -5.48 -14.18
C TYR D 163 -13.34 -6.48 -13.04
N GLY D 164 -12.87 -6.10 -11.87
CA GLY D 164 -12.96 -7.02 -10.76
C GLY D 164 -13.38 -6.40 -9.44
N ILE D 165 -12.64 -6.74 -8.38
CA ILE D 165 -12.95 -6.22 -7.06
C ILE D 165 -11.76 -5.47 -6.47
N GLY D 166 -12.00 -4.81 -5.34
CA GLY D 166 -10.95 -4.06 -4.66
C GLY D 166 -10.09 -3.20 -5.55
N SER D 167 -8.79 -3.18 -5.25
CA SER D 167 -7.83 -2.40 -6.02
C SER D 167 -6.56 -3.16 -6.32
N GLY D 168 -5.97 -2.86 -7.47
CA GLY D 168 -4.73 -3.51 -7.84
C GLY D 168 -3.71 -3.27 -6.74
N ILE D 169 -3.26 -2.03 -6.64
CA ILE D 169 -2.29 -1.66 -5.62
C ILE D 169 -2.66 -2.39 -4.33
N GLY D 170 -3.72 -1.91 -3.68
CA GLY D 170 -4.18 -2.51 -2.44
C GLY D 170 -4.02 -4.02 -2.49
N LEU D 171 -4.59 -4.64 -3.50
CA LEU D 171 -4.46 -6.07 -3.66
C LEU D 171 -2.97 -6.33 -3.58
N PHE D 172 -2.29 -6.12 -4.70
CA PHE D 172 -0.85 -6.32 -4.84
C PHE D 172 -0.08 -6.27 -3.54
N ILE D 173 -0.23 -5.18 -2.80
CA ILE D 173 0.49 -5.09 -1.55
C ILE D 173 0.12 -6.27 -0.65
N ALA D 174 -1.18 -6.43 -0.40
CA ALA D 174 -1.62 -7.53 0.43
C ALA D 174 -1.15 -8.85 -0.18
N ALA D 175 -1.14 -8.90 -1.51
CA ALA D 175 -0.71 -10.10 -2.19
C ALA D 175 0.69 -10.47 -1.72
N GLY D 176 1.60 -9.50 -1.85
CA GLY D 176 2.99 -9.70 -1.44
C GLY D 176 3.20 -10.07 0.02
N VAL D 177 2.77 -9.19 0.91
CA VAL D 177 2.91 -9.44 2.33
C VAL D 177 2.40 -10.83 2.73
N SER D 178 1.15 -11.14 2.40
CA SER D 178 0.60 -12.44 2.72
C SER D 178 1.59 -13.54 2.33
N GLN D 179 1.96 -13.56 1.06
CA GLN D 179 2.92 -14.55 0.56
C GLN D 179 4.20 -14.50 1.41
N THR D 180 4.85 -13.33 1.45
CA THR D 180 6.06 -13.15 2.23
C THR D 180 5.91 -13.83 3.58
N ILE D 181 4.70 -13.88 4.11
CA ILE D 181 4.48 -14.52 5.39
C ILE D 181 4.42 -16.03 5.21
N PHE D 182 3.41 -16.50 4.50
CA PHE D 182 3.26 -17.93 4.31
C PHE D 182 4.46 -18.66 3.80
N VAL D 183 5.31 -17.95 3.07
CA VAL D 183 6.51 -18.57 2.57
C VAL D 183 7.61 -18.49 3.61
N GLY D 184 7.83 -17.28 4.13
CA GLY D 184 8.89 -17.07 5.10
C GLY D 184 8.77 -17.98 6.31
N ALA D 185 7.54 -18.21 6.73
CA ALA D 185 7.31 -19.03 7.89
C ALA D 185 7.25 -20.52 7.56
N LEU D 186 6.59 -20.85 6.46
CA LEU D 186 6.40 -22.24 6.12
C LEU D 186 7.01 -22.78 4.85
N GLY D 187 7.41 -21.90 3.93
CA GLY D 187 8.00 -22.35 2.68
C GLY D 187 9.22 -23.26 2.75
N PRO D 188 10.07 -23.26 1.70
CA PRO D 188 11.29 -24.09 1.66
C PRO D 188 12.19 -23.77 2.84
N GLU D 189 12.95 -22.69 2.74
CA GLU D 189 13.83 -22.28 3.84
C GLU D 189 12.99 -21.69 4.94
N GLY D 190 11.75 -22.17 5.04
CA GLY D 190 10.82 -21.68 6.03
C GLY D 190 11.33 -21.62 7.44
N TYR D 191 10.88 -20.60 8.16
CA TYR D 191 11.27 -20.39 9.55
C TYR D 191 10.66 -21.37 10.52
N LEU D 192 9.36 -21.63 10.38
CA LEU D 192 8.73 -22.52 11.33
C LEU D 192 9.52 -23.79 11.47
N TRP D 193 10.06 -24.26 10.35
CA TRP D 193 10.85 -25.46 10.30
C TRP D 193 12.23 -25.19 10.95
N LYS D 194 12.96 -24.27 10.36
CA LYS D 194 14.27 -23.92 10.88
C LYS D 194 14.20 -23.91 12.39
N PHE D 195 13.04 -23.54 12.93
CA PHE D 195 12.88 -23.53 14.37
C PHE D 195 12.60 -24.93 14.83
N LEU D 196 11.58 -25.53 14.24
CA LEU D 196 11.17 -26.88 14.56
C LEU D 196 12.33 -27.83 14.46
N ASN D 197 13.09 -27.71 13.38
CA ASN D 197 14.26 -28.56 13.18
C ASN D 197 15.25 -28.26 14.30
N SER D 198 15.47 -26.97 14.55
CA SER D 198 16.42 -26.59 15.61
C SER D 198 16.07 -27.22 16.96
N LEU D 199 14.80 -27.54 17.15
CA LEU D 199 14.34 -28.16 18.37
C LEU D 199 14.78 -29.61 18.35
N ILE D 200 14.52 -30.27 17.21
CA ILE D 200 14.91 -31.66 17.04
C ILE D 200 16.43 -31.80 17.19
N GLN D 201 17.17 -30.96 16.47
CA GLN D 201 18.63 -30.97 16.51
C GLN D 201 19.12 -30.90 17.97
N GLY D 202 18.27 -30.33 18.82
CA GLY D 202 18.60 -30.24 20.22
C GLY D 202 19.25 -28.95 20.65
N VAL D 203 19.16 -27.94 19.80
CA VAL D 203 19.77 -26.66 20.12
C VAL D 203 18.77 -25.51 19.94
N PRO D 204 17.57 -25.63 20.54
CA PRO D 204 16.46 -24.67 20.50
C PRO D 204 16.90 -23.26 20.19
N ASN D 205 16.68 -22.81 18.96
CA ASN D 205 17.08 -21.45 18.58
C ASN D 205 15.90 -20.48 18.63
N ILE D 206 15.93 -19.60 19.62
CA ILE D 206 14.84 -18.62 19.79
C ILE D 206 14.82 -17.59 18.66
N GLU D 207 15.85 -17.59 17.83
CA GLU D 207 15.94 -16.63 16.73
C GLU D 207 15.22 -17.13 15.49
N TYR D 208 14.80 -18.38 15.47
CA TYR D 208 14.13 -18.92 14.30
C TYR D 208 12.62 -18.79 14.39
N ILE D 209 12.12 -18.80 15.61
CA ILE D 209 10.71 -18.69 15.86
C ILE D 209 10.36 -17.25 16.13
N ALA D 210 11.35 -16.51 16.61
CA ALA D 210 11.17 -15.11 16.95
C ALA D 210 10.32 -14.37 15.93
N PRO D 211 10.89 -14.04 14.76
CA PRO D 211 10.18 -13.31 13.70
C PRO D 211 8.75 -13.73 13.44
N ILE D 212 8.48 -15.01 13.63
CA ILE D 212 7.14 -15.52 13.44
C ILE D 212 6.23 -14.94 14.51
N ILE D 213 6.75 -14.83 15.74
CA ILE D 213 5.99 -14.25 16.85
C ILE D 213 5.78 -12.80 16.48
N GLY D 214 6.86 -12.10 16.21
CA GLY D 214 6.77 -10.71 15.83
C GLY D 214 5.54 -10.47 14.97
N THR D 215 5.32 -11.34 14.00
CA THR D 215 4.16 -11.17 13.12
C THR D 215 2.83 -11.39 13.83
N ILE D 216 2.72 -12.37 14.71
CA ILE D 216 1.44 -12.54 15.37
C ILE D 216 1.14 -11.29 16.15
N ILE D 217 2.07 -10.92 17.03
CA ILE D 217 1.90 -9.73 17.85
C ILE D 217 1.45 -8.55 17.01
N VAL D 218 2.19 -8.23 15.96
CA VAL D 218 1.77 -7.13 15.10
C VAL D 218 0.33 -7.33 14.65
N PHE D 219 0.07 -8.37 13.86
CA PHE D 219 -1.27 -8.66 13.39
C PHE D 219 -2.31 -8.37 14.47
N LEU D 220 -2.15 -9.00 15.64
CA LEU D 220 -3.08 -8.80 16.74
C LEU D 220 -3.25 -7.31 17.05
N MET D 221 -2.13 -6.61 17.25
CA MET D 221 -2.11 -5.16 17.52
C MET D 221 -2.78 -4.42 16.35
N VAL D 222 -2.14 -4.43 15.20
CA VAL D 222 -2.68 -3.77 14.01
C VAL D 222 -4.20 -3.97 13.85
N VAL D 223 -4.70 -5.17 14.14
CA VAL D 223 -6.13 -5.39 14.00
C VAL D 223 -6.89 -4.57 15.01
N TYR D 224 -6.53 -4.71 16.28
CA TYR D 224 -7.21 -3.94 17.31
C TYR D 224 -7.39 -2.51 16.81
N ALA D 225 -6.27 -1.88 16.50
CA ALA D 225 -6.28 -0.52 16.00
C ALA D 225 -7.22 -0.37 14.82
N GLU D 226 -7.24 -1.36 13.93
CA GLU D 226 -8.09 -1.29 12.76
C GLU D 226 -9.56 -1.39 13.11
N CYS D 227 -9.84 -1.68 14.37
CA CYS D 227 -11.21 -1.81 14.84
C CYS D 227 -11.78 -0.46 15.27
N MET D 228 -11.07 0.22 16.16
CA MET D 228 -11.50 1.53 16.65
C MET D 228 -12.53 2.16 15.71
N ARG D 229 -13.62 2.66 16.29
CA ARG D 229 -14.68 3.28 15.51
C ARG D 229 -15.67 4.03 16.41
N VAL D 230 -16.60 4.75 15.79
CA VAL D 230 -17.59 5.50 16.53
C VAL D 230 -18.83 4.65 16.81
N GLU D 231 -20.00 5.26 16.69
CA GLU D 231 -21.26 4.56 16.92
C GLU D 231 -22.45 5.46 16.58
N ILE D 232 -23.50 4.85 16.04
CA ILE D 232 -24.70 5.59 15.67
C ILE D 232 -24.98 6.71 16.68
N PRO D 233 -25.77 7.70 16.25
CA PRO D 233 -26.34 7.70 14.91
C PRO D 233 -27.85 7.48 14.92
N LEU D 234 -28.39 7.15 16.07
CA LEU D 234 -29.83 6.92 16.21
C LEU D 234 -30.17 6.41 17.61
N ALA D 235 -29.34 5.54 18.15
CA ALA D 235 -29.54 5.02 19.50
C ALA D 235 -29.36 3.52 19.55
N HIS D 236 -30.31 2.79 18.98
CA HIS D 236 -30.28 1.33 18.98
C HIS D 236 -28.87 0.81 19.29
N GLY D 237 -28.53 0.77 20.57
CA GLY D 237 -29.43 1.21 21.62
C GLY D 237 -30.43 0.15 22.02
N ARG D 238 -30.12 -1.11 21.72
CA ARG D 238 -28.87 -1.45 21.05
C ARG D 238 -29.05 -2.62 20.08
N ILE D 239 -30.23 -2.68 19.46
CA ILE D 239 -31.28 -1.71 19.70
C ILE D 239 -31.75 -1.06 18.41
N LYS D 240 -30.81 -0.48 17.67
CA LYS D 240 -31.12 0.18 16.42
C LYS D 240 -30.40 1.52 16.29
N GLY D 241 -31.12 2.53 15.81
CA GLY D 241 -32.51 2.37 15.41
C GLY D 241 -32.74 2.65 13.94
N ALA D 242 -33.83 3.35 13.65
CA ALA D 242 -34.18 3.69 12.27
C ALA D 242 -33.17 4.67 11.67
N VAL D 243 -33.67 5.84 11.28
CA VAL D 243 -32.83 6.87 10.67
C VAL D 243 -31.65 6.23 9.94
N GLY D 244 -30.44 6.63 10.31
CA GLY D 244 -29.24 6.08 9.70
C GLY D 244 -28.04 7.01 9.85
N LYS D 245 -27.34 6.88 10.97
CA LYS D 245 -26.16 7.71 11.24
C LYS D 245 -25.47 8.09 9.94
N TYR D 246 -24.15 8.30 10.01
CA TYR D 246 -23.43 8.16 11.28
C TYR D 246 -22.27 7.18 11.15
N PRO D 247 -21.04 7.69 11.26
CA PRO D 247 -19.85 6.87 11.16
C PRO D 247 -18.86 7.15 12.27
N ILE D 248 -17.69 7.66 11.92
CA ILE D 248 -16.66 7.99 12.91
C ILE D 248 -15.27 7.59 12.41
N LYS D 249 -14.60 8.54 11.76
CA LYS D 249 -13.26 8.29 11.23
C LYS D 249 -12.49 7.32 12.10
N PHE D 250 -11.42 6.75 11.55
CA PHE D 250 -10.60 5.79 12.28
C PHE D 250 -9.19 5.63 11.72
N VAL D 251 -8.89 4.43 11.21
CA VAL D 251 -7.56 4.09 10.75
C VAL D 251 -7.49 4.13 9.24
N TYR D 252 -8.38 3.40 8.59
CA TYR D 252 -8.39 3.35 7.13
C TYR D 252 -8.59 4.71 6.47
N VAL D 253 -8.70 5.77 7.27
CA VAL D 253 -8.84 7.08 6.66
C VAL D 253 -7.48 7.37 6.03
N SER D 254 -6.44 7.35 6.87
CA SER D 254 -5.07 7.62 6.44
C SER D 254 -4.38 6.39 5.87
N ASN D 255 -5.06 5.70 4.97
CA ASN D 255 -4.46 4.50 4.40
C ASN D 255 -3.51 4.92 3.27
N ILE D 256 -4.09 5.23 2.13
CA ILE D 256 -3.31 5.67 0.99
C ILE D 256 -2.27 6.66 1.49
N PRO D 257 -2.62 7.51 2.46
CA PRO D 257 -1.67 8.48 3.01
C PRO D 257 -0.36 7.86 3.51
N VAL D 258 -0.47 6.97 4.48
CA VAL D 258 0.70 6.29 5.06
C VAL D 258 1.44 5.48 4.00
N ILE D 259 0.70 4.98 3.03
CA ILE D 259 1.31 4.22 1.96
C ILE D 259 2.30 5.12 1.25
N LEU D 260 2.00 6.42 1.25
CA LEU D 260 2.85 7.41 0.61
C LEU D 260 4.00 7.85 1.51
N ALA D 261 3.74 7.96 2.81
CA ALA D 261 4.81 8.34 3.73
C ALA D 261 5.93 7.30 3.66
N ALA D 262 5.57 6.04 3.92
CA ALA D 262 6.52 4.93 3.88
C ALA D 262 7.19 4.89 2.53
N ALA D 263 6.41 5.13 1.48
CA ALA D 263 6.96 5.13 0.12
C ALA D 263 7.94 6.29 -0.09
N LEU D 264 7.73 7.40 0.61
CA LEU D 264 8.66 8.51 0.45
C LEU D 264 10.01 7.98 0.92
N PHE D 265 10.06 7.53 2.16
CA PHE D 265 11.28 6.96 2.71
C PHE D 265 11.85 5.93 1.73
N ALA D 266 10.98 5.22 1.03
CA ALA D 266 11.43 4.20 0.10
C ALA D 266 12.28 4.84 -0.99
N ASN D 267 11.83 5.99 -1.48
CA ASN D 267 12.57 6.68 -2.54
C ASN D 267 13.76 7.50 -2.03
N ILE D 268 13.94 7.54 -0.72
CA ILE D 268 15.07 8.26 -0.18
C ILE D 268 16.21 7.24 -0.05
N GLN D 269 16.00 6.15 0.67
CA GLN D 269 17.05 5.14 0.80
C GLN D 269 17.50 4.69 -0.58
N LEU D 270 16.57 4.70 -1.54
CA LEU D 270 16.95 4.29 -2.88
C LEU D 270 17.72 5.44 -3.53
N TRP D 271 17.13 6.64 -3.52
CA TRP D 271 17.74 7.83 -4.10
C TRP D 271 19.07 8.27 -3.48
N GLY D 272 19.31 7.88 -2.24
CA GLY D 272 20.54 8.24 -1.57
C GLY D 272 21.66 7.30 -1.98
N LEU D 273 21.39 5.99 -1.91
CA LEU D 273 22.38 5.00 -2.28
C LEU D 273 22.65 5.23 -3.76
N ALA D 274 21.57 5.39 -4.53
CA ALA D 274 21.71 5.65 -5.95
C ALA D 274 22.68 6.82 -6.10
N LEU D 275 22.29 7.98 -5.57
CA LEU D 275 23.16 9.16 -5.65
C LEU D 275 24.22 9.07 -4.57
N TYR D 276 24.91 7.94 -4.55
CA TYR D 276 26.00 7.67 -3.63
C TYR D 276 27.05 6.99 -4.48
N ARG D 277 26.77 5.77 -4.91
CA ARG D 277 27.71 5.05 -5.75
C ARG D 277 27.58 5.53 -7.20
N MET D 278 27.19 6.80 -7.35
CA MET D 278 27.03 7.44 -8.65
C MET D 278 27.12 8.96 -8.47
N GLY D 279 27.98 9.39 -7.56
CA GLY D 279 28.12 10.82 -7.35
C GLY D 279 28.66 11.22 -5.98
N ILE D 280 28.07 12.28 -5.43
CA ILE D 280 28.47 12.81 -4.13
C ILE D 280 27.48 12.39 -3.04
N PRO D 281 27.98 12.19 -1.80
CA PRO D 281 27.17 11.78 -0.65
C PRO D 281 26.20 12.85 -0.15
N ILE D 282 25.31 13.30 -1.03
CA ILE D 282 24.32 14.31 -0.70
C ILE D 282 23.47 13.91 0.50
N LEU D 283 22.86 12.73 0.40
CA LEU D 283 21.96 12.21 1.44
C LEU D 283 22.66 11.45 2.56
N GLY D 284 23.54 10.52 2.21
CA GLY D 284 24.22 9.76 3.25
C GLY D 284 25.26 8.77 2.77
N HIS D 285 26.10 8.34 3.71
CA HIS D 285 27.17 7.37 3.42
C HIS D 285 26.62 5.99 3.71
N TYR D 286 26.30 5.24 2.66
CA TYR D 286 25.75 3.91 2.83
C TYR D 286 26.78 2.88 3.25
N GLU D 287 27.41 2.22 2.30
CA GLU D 287 28.42 1.23 2.61
C GLU D 287 27.79 0.02 3.32
N GLY D 288 28.02 -1.17 2.77
CA GLY D 288 27.47 -2.37 3.37
C GLY D 288 26.13 -2.67 2.77
N GLY D 289 25.78 -1.89 1.76
CA GLY D 289 24.49 -2.05 1.08
C GLY D 289 23.62 -0.85 1.39
N ARG D 290 23.04 -0.84 2.60
CA ARG D 290 22.18 0.24 3.06
C ARG D 290 23.02 1.42 3.56
N ALA D 291 22.38 2.36 4.27
CA ALA D 291 23.08 3.53 4.78
C ALA D 291 23.45 3.45 6.26
N VAL D 292 24.66 3.93 6.57
CA VAL D 292 25.19 3.93 7.93
C VAL D 292 25.53 5.34 8.40
N ASP D 293 24.88 6.34 7.79
CA ASP D 293 25.10 7.74 8.14
C ASP D 293 24.36 8.67 7.19
N GLY D 294 24.01 9.86 7.68
CA GLY D 294 23.31 10.84 6.86
C GLY D 294 21.80 10.82 6.99
N ILE D 295 21.13 11.68 6.22
CA ILE D 295 19.67 11.75 6.23
C ILE D 295 19.18 10.33 6.06
N ALA D 296 19.82 9.63 5.13
CA ALA D 296 19.48 8.25 4.85
C ALA D 296 19.45 7.47 6.15
N TYR D 297 20.57 7.45 6.86
CA TYR D 297 20.65 6.71 8.12
C TYR D 297 19.51 7.01 9.09
N TYR D 298 19.36 8.29 9.43
CA TYR D 298 18.32 8.70 10.36
C TYR D 298 16.92 8.39 9.84
N LEU D 299 16.80 8.08 8.57
CA LEU D 299 15.50 7.77 8.00
C LEU D 299 15.42 6.38 7.40
N SER D 300 15.88 5.39 8.16
CA SER D 300 15.85 4.00 7.72
C SER D 300 15.12 3.17 8.78
N THR D 301 14.02 2.54 8.40
CA THR D 301 13.24 1.76 9.35
C THR D 301 14.05 0.56 9.91
N PRO D 302 14.14 0.47 11.23
CA PRO D 302 14.83 -0.53 12.07
C PRO D 302 14.40 -2.03 12.02
N TYR D 303 13.18 -2.31 11.58
CA TYR D 303 12.70 -3.70 11.58
C TYR D 303 13.51 -4.74 10.80
N GLY D 304 12.92 -5.93 10.70
CA GLY D 304 13.53 -7.06 10.00
C GLY D 304 13.33 -8.36 10.76
N LEU D 305 13.99 -8.45 11.92
CA LEU D 305 13.92 -9.62 12.81
C LEU D 305 13.62 -9.18 14.26
N SER D 306 14.57 -8.47 14.87
CA SER D 306 14.45 -7.96 16.24
C SER D 306 14.65 -6.44 16.36
N SER D 307 14.00 -5.82 17.35
CA SER D 307 14.10 -4.38 17.58
C SER D 307 15.50 -3.95 18.03
N VAL D 308 15.97 -2.84 17.50
CA VAL D 308 17.31 -2.33 17.83
C VAL D 308 17.26 -1.22 18.89
N ILE D 309 17.77 -1.54 20.08
CA ILE D 309 17.82 -0.58 21.17
C ILE D 309 19.11 0.20 21.10
N SER D 310 20.16 -0.48 20.65
CA SER D 310 21.49 0.10 20.52
C SER D 310 21.61 1.38 19.70
N ASP D 311 20.61 2.25 19.77
CA ASP D 311 20.61 3.53 19.05
C ASP D 311 19.37 4.40 19.33
N PRO D 312 18.95 4.47 20.61
CA PRO D 312 17.79 5.26 21.00
C PRO D 312 17.49 6.43 20.08
N ILE D 313 18.38 7.42 20.08
CA ILE D 313 18.20 8.59 19.23
C ILE D 313 17.68 8.26 17.84
N HIS D 314 18.29 7.25 17.20
CA HIS D 314 17.89 6.82 15.87
C HIS D 314 16.39 6.55 15.85
N ALA D 315 15.93 5.83 16.86
CA ALA D 315 14.52 5.53 16.98
C ALA D 315 13.73 6.83 17.01
N ILE D 316 13.94 7.60 18.07
CA ILE D 316 13.24 8.87 18.24
C ILE D 316 13.05 9.62 16.93
N VAL D 317 14.15 10.00 16.30
CA VAL D 317 14.07 10.75 15.05
C VAL D 317 13.11 10.09 14.07
N TYR D 318 13.44 8.87 13.66
CA TYR D 318 12.61 8.15 12.69
C TYR D 318 11.14 8.38 12.99
N MET D 319 10.73 7.91 14.17
CA MET D 319 9.36 8.02 14.64
C MET D 319 8.75 9.38 14.32
N ILE D 320 9.40 10.42 14.86
CA ILE D 320 8.97 11.79 14.70
C ILE D 320 9.00 12.15 13.23
N ALA D 321 10.06 11.72 12.57
CA ALA D 321 10.21 11.96 11.15
C ALA D 321 8.99 11.38 10.40
N MET D 322 8.70 10.11 10.66
CA MET D 322 7.57 9.45 10.02
C MET D 322 6.26 10.17 10.29
N ILE D 323 6.09 10.64 11.53
CA ILE D 323 4.88 11.35 11.91
C ILE D 323 4.66 12.59 11.05
N ILE D 324 5.71 13.40 10.91
CA ILE D 324 5.64 14.61 10.11
C ILE D 324 5.15 14.31 8.70
N THR D 325 5.88 13.44 8.00
CA THR D 325 5.52 13.06 6.64
C THR D 325 4.08 12.57 6.57
N CYS D 326 3.70 11.72 7.53
CA CYS D 326 2.35 11.18 7.59
C CYS D 326 1.31 12.30 7.61
N VAL D 327 1.44 13.20 8.58
CA VAL D 327 0.53 14.33 8.70
C VAL D 327 0.49 15.14 7.40
N MET D 328 1.66 15.38 6.83
CA MET D 328 1.76 16.12 5.58
C MET D 328 0.89 15.48 4.50
N PHE D 329 1.10 14.19 4.27
CA PHE D 329 0.33 13.46 3.27
C PHE D 329 -1.16 13.53 3.57
N GLY D 330 -1.52 13.33 4.84
CA GLY D 330 -2.91 13.38 5.25
C GLY D 330 -3.58 14.69 4.90
N ILE D 331 -2.83 15.78 5.06
CA ILE D 331 -3.35 17.11 4.75
C ILE D 331 -3.49 17.31 3.24
N PHE D 332 -2.45 16.92 2.50
CA PHE D 332 -2.46 17.06 1.05
C PHE D 332 -3.48 16.12 0.42
N TRP D 333 -4.17 15.35 1.26
CA TRP D 333 -5.17 14.41 0.79
C TRP D 333 -6.58 14.86 1.18
N VAL D 334 -6.65 15.95 1.93
CA VAL D 334 -7.93 16.50 2.37
C VAL D 334 -8.17 17.88 1.80
N GLU D 335 -7.09 18.56 1.41
CA GLU D 335 -7.18 19.90 0.86
C GLU D 335 -8.30 20.00 -0.17
N THR D 336 -8.66 18.86 -0.77
CA THR D 336 -7.99 17.61 -0.48
C THR D 336 -8.85 16.42 -0.93
N THR D 337 -9.24 15.59 0.04
CA THR D 337 -10.07 14.42 -0.25
C THR D 337 -10.58 13.77 1.02
N GLY D 338 -11.38 14.52 1.77
CA GLY D 338 -11.94 14.03 3.02
C GLY D 338 -13.36 14.51 3.25
N LEU D 339 -14.30 13.58 3.36
CA LEU D 339 -15.70 13.92 3.58
C LEU D 339 -16.00 15.35 3.15
N ASP D 340 -16.53 15.49 1.94
CA ASP D 340 -16.86 16.81 1.40
C ASP D 340 -18.21 17.29 1.92
N PRO D 341 -18.70 18.38 1.35
CA PRO D 341 -19.99 18.94 1.76
C PRO D 341 -21.11 18.55 0.80
N LYS D 342 -20.99 18.94 -0.47
CA LYS D 342 -21.99 18.62 -1.47
C LYS D 342 -22.55 17.22 -1.26
N SER D 343 -21.95 16.24 -1.92
CA SER D 343 -22.39 14.85 -1.81
C SER D 343 -22.91 14.54 -0.41
N MET D 344 -22.04 14.73 0.59
CA MET D 344 -22.40 14.48 1.98
C MET D 344 -23.86 14.82 2.23
N ALA D 345 -24.14 16.11 2.43
CA ALA D 345 -25.49 16.57 2.68
C ALA D 345 -26.46 16.02 1.64
N LYS D 346 -26.24 16.38 0.38
CA LYS D 346 -27.09 15.91 -0.71
C LYS D 346 -27.73 14.59 -0.37
N ARG D 347 -26.90 13.59 -0.05
CA ARG D 347 -27.41 12.25 0.30
C ARG D 347 -27.92 12.23 1.74
N ILE D 348 -27.01 12.19 2.69
CA ILE D 348 -27.37 12.17 4.10
C ILE D 348 -28.84 11.82 4.30
N GLY D 349 -29.53 12.66 5.06
CA GLY D 349 -30.95 12.44 5.33
C GLY D 349 -31.58 11.44 4.38
N SER D 350 -32.39 10.54 4.92
CA SER D 350 -33.06 9.53 4.12
C SER D 350 -34.11 8.78 4.94
N LEU D 351 -33.82 7.53 5.26
CA LEU D 351 -34.74 6.70 6.03
C LEU D 351 -36.14 7.30 6.06
N GLY D 352 -36.66 7.64 4.88
CA GLY D 352 -37.97 8.23 4.76
C GLY D 352 -39.07 7.28 5.23
N MET D 353 -39.60 7.55 6.43
CA MET D 353 -40.65 6.71 6.99
C MET D 353 -40.71 6.84 8.51
N ALA D 354 -41.90 6.72 9.07
CA ALA D 354 -42.09 6.81 10.51
C ALA D 354 -41.12 5.92 11.27
N ILE D 355 -40.25 6.54 12.06
CA ILE D 355 -39.28 5.78 12.84
C ILE D 355 -38.21 6.71 13.43
N LYS D 356 -38.57 7.97 13.61
CA LYS D 356 -39.89 8.46 13.27
C LYS D 356 -39.82 9.84 12.62
N GLY D 357 -38.80 10.60 12.99
CA GLY D 357 -38.62 11.94 12.46
C GLY D 357 -37.59 11.99 11.35
N PHE D 358 -36.53 12.77 11.56
CA PHE D 358 -35.46 12.90 10.57
C PHE D 358 -34.30 13.71 11.12
N ARG D 359 -33.74 14.57 10.28
CA ARG D 359 -32.63 15.42 10.69
C ARG D 359 -32.72 16.80 10.02
N LYS D 360 -31.65 17.57 10.11
CA LYS D 360 -31.63 18.90 9.51
C LYS D 360 -30.37 19.67 9.90
N SER D 361 -30.42 20.99 9.72
CA SER D 361 -29.29 21.85 10.04
C SER D 361 -28.73 21.55 11.42
N ALA D 362 -27.69 22.29 11.80
CA ALA D 362 -27.04 22.08 13.09
C ALA D 362 -26.25 20.78 13.10
N ILE D 363 -26.88 19.71 12.62
CA ILE D 363 -26.24 18.40 12.55
C ILE D 363 -24.91 18.49 11.81
N GLU D 364 -24.94 19.05 10.60
CA GLU D 364 -23.73 19.20 9.79
C GLU D 364 -22.63 19.88 10.59
N HIS D 365 -22.94 21.04 11.15
CA HIS D 365 -21.97 21.79 11.94
C HIS D 365 -21.34 20.91 13.01
N ARG D 366 -22.19 20.33 13.86
CA ARG D 366 -21.72 19.46 14.93
C ARG D 366 -20.75 18.40 14.40
N LEU D 367 -21.17 17.72 13.33
CA LEU D 367 -20.34 16.68 12.72
C LEU D 367 -18.97 17.23 12.36
N LYS D 368 -18.95 18.26 11.51
CA LYS D 368 -17.70 18.88 11.08
C LYS D 368 -16.81 19.20 12.27
N ARG D 369 -17.43 19.74 13.33
CA ARG D 369 -16.69 20.11 14.53
C ARG D 369 -16.04 18.88 15.18
N TYR D 370 -16.86 17.88 15.50
CA TYR D 370 -16.37 16.66 16.12
C TYR D 370 -15.85 15.68 15.07
N ILE D 371 -15.29 16.21 13.99
CA ILE D 371 -14.76 15.39 12.92
C ILE D 371 -13.31 15.75 12.61
N PRO D 372 -12.87 16.88 13.15
CA PRO D 372 -11.49 17.35 12.92
C PRO D 372 -10.48 16.53 13.70
N PRO D 373 -10.91 15.39 14.22
CA PRO D 373 -10.03 14.49 14.98
C PRO D 373 -9.26 13.55 14.06
N LEU D 374 -9.93 12.99 13.07
CA LEU D 374 -9.30 12.08 12.12
C LEU D 374 -8.16 12.74 11.38
N THR D 375 -8.28 12.81 10.05
CA THR D 375 -7.26 13.43 9.22
C THR D 375 -5.93 13.52 9.96
N VAL D 376 -5.78 14.56 10.78
CA VAL D 376 -4.56 14.76 11.54
C VAL D 376 -4.21 13.53 12.36
N MET D 377 -5.04 13.24 13.37
CA MET D 377 -4.81 12.08 14.23
C MET D 377 -4.73 10.80 13.41
N SER D 378 -5.83 10.43 12.77
CA SER D 378 -5.88 9.22 11.96
C SER D 378 -4.49 8.85 11.43
N SER D 379 -3.85 9.80 10.75
CA SER D 379 -2.53 9.57 10.20
C SER D 379 -1.47 9.64 11.30
N ALA D 380 -1.37 10.78 11.96
CA ALA D 380 -0.42 10.94 13.04
C ALA D 380 -0.36 9.64 13.82
N PHE D 381 -1.53 9.13 14.19
CA PHE D 381 -1.62 7.87 14.94
C PHE D 381 -1.08 6.75 14.09
N VAL D 382 -1.82 6.34 13.07
CA VAL D 382 -1.39 5.29 12.17
C VAL D 382 0.13 5.36 12.06
N GLY D 383 0.64 6.40 11.39
CA GLY D 383 2.08 6.57 11.24
C GLY D 383 2.85 6.14 12.49
N PHE D 384 2.35 6.55 13.66
CA PHE D 384 2.99 6.15 14.90
C PHE D 384 2.96 4.62 14.91
N LEU D 385 1.76 4.07 15.05
CA LEU D 385 1.51 2.62 15.06
C LEU D 385 2.43 1.94 14.06
N ALA D 386 2.24 2.26 12.78
CA ALA D 386 3.07 1.67 11.75
C ALA D 386 4.51 1.66 12.21
N THR D 387 5.07 2.82 12.52
CA THR D 387 6.44 2.87 12.97
C THR D 387 6.74 1.93 14.13
N ILE D 388 6.01 2.08 15.23
CA ILE D 388 6.24 1.22 16.36
C ILE D 388 6.04 -0.24 15.94
N ALA D 389 5.19 -0.44 14.94
CA ALA D 389 4.94 -1.80 14.46
C ALA D 389 6.23 -2.34 13.87
N ASN D 390 7.12 -1.44 13.50
CA ASN D 390 8.38 -1.85 12.91
C ASN D 390 9.45 -2.06 13.98
N PHE D 391 9.46 -1.23 15.01
CA PHE D 391 10.46 -1.45 16.06
C PHE D 391 10.29 -2.89 16.46
N ILE D 392 9.07 -3.22 16.85
CA ILE D 392 8.74 -4.58 17.24
C ILE D 392 9.26 -5.50 16.13
N GLY D 393 9.04 -5.10 14.88
CA GLY D 393 9.53 -5.90 13.76
C GLY D 393 8.81 -7.20 13.53
N ALA D 394 8.47 -7.46 12.28
CA ALA D 394 7.75 -8.68 11.94
C ALA D 394 7.90 -9.11 10.50
N LEU D 395 7.53 -10.35 10.26
CA LEU D 395 7.63 -10.96 8.96
C LEU D 395 6.69 -10.27 7.96
N GLY D 396 7.20 -10.01 6.77
CA GLY D 396 6.37 -9.35 5.78
C GLY D 396 6.47 -7.84 5.89
N GLY D 397 6.74 -7.36 7.09
CA GLY D 397 6.88 -5.93 7.32
C GLY D 397 5.96 -5.42 8.40
N GLY D 398 6.55 -4.85 9.45
CA GLY D 398 5.77 -4.29 10.55
C GLY D 398 4.77 -3.27 10.07
N THR D 399 5.20 -2.41 9.16
CA THR D 399 4.33 -1.37 8.60
C THR D 399 3.45 -1.96 7.51
N GLY D 400 4.00 -2.89 6.74
CA GLY D 400 3.26 -3.53 5.67
C GLY D 400 2.06 -4.30 6.18
N VAL D 401 2.24 -4.97 7.32
CA VAL D 401 1.16 -5.74 7.93
C VAL D 401 -0.05 -4.84 8.21
N LEU D 402 0.23 -3.61 8.63
CA LEU D 402 -0.83 -2.65 8.92
C LEU D 402 -1.69 -2.41 7.68
N LEU D 403 -1.04 -2.12 6.57
CA LEU D 403 -1.74 -1.89 5.31
C LEU D 403 -2.52 -3.14 4.91
N THR D 404 -1.82 -4.26 4.78
CA THR D 404 -2.44 -5.52 4.38
C THR D 404 -3.71 -5.82 5.14
N VAL D 405 -3.59 -5.97 6.44
CA VAL D 405 -4.74 -6.24 7.28
C VAL D 405 -5.88 -5.32 6.92
N SER D 406 -5.58 -4.03 6.74
CA SER D 406 -6.60 -3.04 6.39
C SER D 406 -7.14 -3.34 5.02
N ILE D 407 -6.25 -3.32 4.04
CA ILE D 407 -6.59 -3.61 2.66
C ILE D 407 -7.41 -4.89 2.54
N VAL D 408 -7.05 -5.88 3.33
CA VAL D 408 -7.75 -7.13 3.28
C VAL D 408 -9.16 -6.95 3.80
N TYR D 409 -9.34 -6.17 4.85
CA TYR D 409 -10.69 -5.98 5.38
C TYR D 409 -11.52 -5.10 4.49
N ARG D 410 -10.91 -4.03 3.96
CA ARG D 410 -11.64 -3.14 3.07
C ARG D 410 -11.99 -3.97 1.85
N MET D 411 -11.27 -5.08 1.70
CA MET D 411 -11.47 -5.98 0.57
C MET D 411 -12.58 -6.98 0.85
N TYR D 412 -12.85 -7.20 2.13
CA TYR D 412 -13.90 -8.12 2.54
C TYR D 412 -15.19 -7.36 2.33
N GLU D 413 -15.18 -6.11 2.78
CA GLU D 413 -16.33 -5.24 2.64
C GLU D 413 -16.72 -5.20 1.19
N GLN D 414 -15.73 -4.95 0.33
CA GLN D 414 -15.98 -4.89 -1.09
C GLN D 414 -16.74 -6.14 -1.53
N LEU D 415 -16.27 -7.31 -1.08
CA LEU D 415 -16.93 -8.56 -1.44
C LEU D 415 -18.37 -8.68 -0.96
N LEU D 416 -18.74 -7.90 0.04
CA LEU D 416 -20.11 -7.94 0.54
C LEU D 416 -20.99 -6.93 -0.20
N ARG D 417 -20.55 -5.68 -0.23
CA ARG D 417 -21.32 -4.66 -0.93
C ARG D 417 -21.64 -5.23 -2.31
N GLU D 418 -20.84 -6.20 -2.75
CA GLU D 418 -21.06 -6.81 -4.05
C GLU D 418 -22.06 -7.95 -3.94
N LYS D 419 -21.81 -8.89 -3.03
CA LYS D 419 -22.73 -10.01 -2.84
C LYS D 419 -24.18 -9.54 -2.74
N VAL D 420 -24.36 -8.27 -2.38
CA VAL D 420 -25.69 -7.70 -2.23
C VAL D 420 -26.12 -6.96 -3.47
N SER D 421 -25.27 -6.10 -4.00
CA SER D 421 -25.60 -5.35 -5.21
C SER D 421 -25.98 -6.33 -6.32
N GLU D 422 -25.67 -7.60 -6.10
CA GLU D 422 -25.97 -8.67 -7.06
C GLU D 422 -27.43 -9.12 -6.91
N LEU D 423 -28.24 -8.29 -6.26
CA LEU D 423 -29.65 -8.61 -6.06
C LEU D 423 -30.55 -7.50 -6.57
N HIS D 424 -30.52 -6.34 -5.90
CA HIS D 424 -31.32 -5.19 -6.29
C HIS D 424 -30.52 -4.32 -7.28
N PRO D 425 -30.68 -4.56 -8.59
CA PRO D 425 -29.97 -3.82 -9.63
C PRO D 425 -30.33 -2.32 -9.69
N ALA D 426 -29.89 -1.56 -8.68
CA ALA D 426 -30.20 -0.14 -8.64
C ALA D 426 -29.47 0.62 -7.55
N ILE D 427 -29.71 0.24 -6.29
CA ILE D 427 -29.10 0.88 -5.13
C ILE D 427 -27.57 0.77 -5.14
N ALA D 428 -26.97 1.25 -6.22
CA ALA D 428 -25.52 1.22 -6.39
C ALA D 428 -24.89 2.52 -5.86
N LYS D 429 -25.54 3.13 -4.87
CA LYS D 429 -25.04 4.38 -4.28
C LYS D 429 -25.40 4.54 -2.80
N LEU D 430 -26.17 3.60 -2.25
CA LEU D 430 -26.58 3.68 -0.85
C LEU D 430 -25.57 3.00 0.08
N THR E 1 9.54 34.27 20.05
CA THR E 1 8.22 34.70 20.52
C THR E 1 7.09 33.85 19.91
N ASP E 2 6.91 33.95 18.60
CA ASP E 2 5.86 33.19 17.92
C ASP E 2 5.88 31.75 18.41
N PHE E 3 7.08 31.20 18.59
CA PHE E 3 7.25 29.83 19.06
C PHE E 3 6.45 29.63 20.34
N ASN E 4 6.57 30.59 21.27
CA ASN E 4 5.84 30.50 22.51
C ASN E 4 4.36 30.42 22.17
N GLN E 5 3.90 31.32 21.31
CA GLN E 5 2.50 31.34 20.89
C GLN E 5 2.02 29.98 20.43
N LYS E 6 2.56 29.52 19.31
CA LYS E 6 2.19 28.23 18.77
C LYS E 6 2.18 27.17 19.86
N ILE E 7 3.20 27.16 20.73
CA ILE E 7 3.27 26.18 21.82
C ILE E 7 2.05 26.33 22.72
N GLU E 8 1.69 27.57 23.02
CA GLU E 8 0.53 27.86 23.86
C GLU E 8 -0.71 27.30 23.16
N GLN E 9 -0.81 27.52 21.85
CA GLN E 9 -1.95 27.05 21.06
C GLN E 9 -2.11 25.54 20.93
N LEU E 10 -1.06 24.84 20.48
CA LEU E 10 -1.18 23.39 20.36
C LEU E 10 -1.70 22.83 21.67
N LYS E 11 -1.20 23.35 22.79
CA LYS E 11 -1.67 22.87 24.07
C LYS E 11 -3.19 22.99 24.10
N GLU E 12 -3.69 24.07 23.49
CA GLU E 12 -5.13 24.34 23.45
C GLU E 12 -5.88 23.35 22.57
N PHE E 13 -5.52 23.31 21.29
CA PHE E 13 -6.15 22.41 20.33
C PHE E 13 -6.18 21.01 20.93
N ILE E 14 -4.99 20.50 21.25
CA ILE E 14 -4.88 19.19 21.86
C ILE E 14 -5.93 19.02 22.97
N GLU E 15 -6.13 20.06 23.78
CA GLU E 15 -7.14 19.97 24.85
C GLU E 15 -8.54 19.89 24.24
N GLU E 16 -8.70 20.50 23.06
CA GLU E 16 -9.97 20.49 22.35
C GLU E 16 -10.25 19.06 21.88
N CYS E 17 -9.16 18.34 21.62
CA CYS E 17 -9.26 16.95 21.22
C CYS E 17 -9.83 16.11 22.36
N ARG E 18 -9.69 16.62 23.58
CA ARG E 18 -10.21 15.95 24.76
C ARG E 18 -11.72 15.79 24.68
N ARG E 19 -12.44 16.87 24.97
CA ARG E 19 -13.89 16.86 24.92
C ARG E 19 -14.39 16.00 23.76
N VAL E 20 -13.56 15.88 22.73
CA VAL E 20 -13.91 15.09 21.55
C VAL E 20 -13.75 13.60 21.83
N TRP E 21 -12.63 13.25 22.47
CA TRP E 21 -12.26 11.85 22.68
C TRP E 21 -13.01 11.19 23.84
N LEU E 22 -12.33 10.30 24.54
CA LEU E 22 -12.94 9.54 25.63
C LEU E 22 -14.07 8.71 25.07
N VAL E 23 -13.81 8.02 23.96
CA VAL E 23 -14.84 7.25 23.29
C VAL E 23 -14.38 5.85 22.85
N LEU E 24 -13.27 5.81 22.11
CA LEU E 24 -12.82 4.53 21.54
C LEU E 24 -13.47 3.25 22.08
N LYS E 25 -13.84 2.38 21.15
CA LYS E 25 -14.48 1.10 21.46
C LYS E 25 -13.51 -0.08 21.53
N LYS E 26 -13.20 -0.52 22.74
CA LYS E 26 -12.33 -1.67 22.93
C LYS E 26 -13.11 -2.81 22.26
N PRO E 27 -12.40 -3.81 21.74
CA PRO E 27 -13.03 -4.95 21.07
C PRO E 27 -13.45 -6.03 22.05
N THR E 28 -14.58 -6.67 21.78
CA THR E 28 -15.08 -7.73 22.64
C THR E 28 -14.70 -9.11 22.11
N LYS E 29 -14.14 -9.94 23.00
CA LYS E 29 -13.72 -11.28 22.61
C LYS E 29 -14.47 -11.77 21.38
N ASP E 30 -15.78 -11.51 21.33
CA ASP E 30 -16.60 -11.91 20.22
C ASP E 30 -16.16 -11.22 18.93
N GLU E 31 -16.43 -9.93 18.83
CA GLU E 31 -16.05 -9.16 17.65
C GLU E 31 -14.57 -9.31 17.34
N TYR E 32 -13.72 -8.78 18.23
CA TYR E 32 -12.28 -8.88 18.06
C TYR E 32 -11.89 -10.21 17.43
N LEU E 33 -12.25 -11.30 18.11
CA LEU E 33 -11.96 -12.63 17.60
C LEU E 33 -12.39 -12.78 16.14
N ALA E 34 -13.69 -12.79 15.91
CA ALA E 34 -14.23 -12.91 14.57
C ALA E 34 -13.34 -12.19 13.56
N VAL E 35 -13.09 -10.91 13.81
CA VAL E 35 -12.26 -10.09 12.94
C VAL E 35 -10.87 -10.71 12.76
N ALA E 36 -10.01 -10.51 13.76
CA ALA E 36 -8.66 -11.04 13.71
C ALA E 36 -8.61 -12.38 12.99
N LYS E 37 -9.74 -13.08 12.98
CA LYS E 37 -9.85 -14.38 12.33
C LYS E 37 -9.86 -14.22 10.82
N VAL E 38 -10.64 -13.26 10.34
CA VAL E 38 -10.72 -13.00 8.89
C VAL E 38 -9.40 -12.41 8.40
N THR E 39 -8.81 -11.53 9.20
CA THR E 39 -7.55 -10.90 8.84
C THR E 39 -6.49 -11.96 8.53
N ALA E 40 -6.14 -12.75 9.55
CA ALA E 40 -5.16 -13.81 9.38
C ALA E 40 -5.53 -14.71 8.21
N LEU E 41 -6.82 -14.99 8.07
CA LEU E 41 -7.31 -15.84 6.99
C LEU E 41 -6.86 -15.29 5.63
N GLY E 42 -7.29 -14.08 5.31
CA GLY E 42 -6.91 -13.45 4.06
C GLY E 42 -5.42 -13.34 3.91
N ILE E 43 -4.72 -13.11 5.03
CA ILE E 43 -3.27 -13.01 5.02
C ILE E 43 -2.64 -14.28 4.49
N SER E 44 -3.01 -15.42 5.09
CA SER E 44 -2.48 -16.71 4.66
C SER E 44 -2.94 -17.04 3.23
N LEU E 45 -4.12 -16.56 2.88
CA LEU E 45 -4.67 -16.78 1.54
C LEU E 45 -3.80 -16.10 0.49
N LEU E 46 -3.32 -14.90 0.81
CA LEU E 46 -2.47 -14.15 -0.10
C LEU E 46 -1.03 -14.65 -0.02
N GLY E 47 -0.69 -15.29 1.09
CA GLY E 47 0.65 -15.82 1.30
C GLY E 47 0.85 -17.13 0.55
N ILE E 48 -0.05 -18.09 0.79
CA ILE E 48 0.03 -19.38 0.13
C ILE E 48 0.29 -19.24 -1.37
N ILE E 49 -0.63 -18.63 -2.08
CA ILE E 49 -0.47 -18.45 -3.51
C ILE E 49 0.95 -18.00 -3.88
N GLY E 50 1.47 -17.01 -3.18
CA GLY E 50 2.82 -16.55 -3.49
C GLY E 50 3.85 -17.65 -3.29
N TYR E 51 3.54 -18.55 -2.37
CA TYR E 51 4.39 -19.70 -2.05
C TYR E 51 4.35 -20.63 -3.27
N ILE E 52 3.16 -21.15 -3.52
CA ILE E 52 2.89 -22.07 -4.63
C ILE E 52 3.63 -21.62 -5.87
N ILE E 53 3.73 -20.31 -6.06
CA ILE E 53 4.44 -19.80 -7.22
C ILE E 53 5.92 -19.70 -6.94
N HIS E 54 6.28 -18.96 -5.89
CA HIS E 54 7.68 -18.76 -5.55
C HIS E 54 8.46 -20.06 -5.35
N VAL E 55 8.42 -20.60 -4.14
CA VAL E 55 9.17 -21.81 -3.80
C VAL E 55 9.65 -22.63 -4.99
N PRO E 56 8.72 -23.26 -5.73
CA PRO E 56 9.10 -24.07 -6.89
C PRO E 56 9.87 -23.30 -7.95
N ALA E 57 9.33 -22.17 -8.40
CA ALA E 57 10.00 -21.36 -9.41
C ALA E 57 11.46 -21.05 -8.99
N THR E 58 11.77 -21.30 -7.73
CA THR E 58 13.13 -21.07 -7.25
C THR E 58 13.89 -22.40 -7.27
N TYR E 59 13.15 -23.49 -7.11
CA TYR E 59 13.75 -24.83 -7.16
C TYR E 59 14.34 -24.98 -8.56
N ILE E 60 13.74 -24.26 -9.50
CA ILE E 60 14.17 -24.23 -10.90
C ILE E 60 15.35 -23.29 -11.02
N LYS E 61 15.11 -21.98 -10.89
CA LYS E 61 16.20 -21.00 -10.99
C LYS E 61 17.46 -21.57 -10.34
N GLY E 62 17.26 -22.30 -9.25
CA GLY E 62 18.36 -22.90 -8.53
C GLY E 62 18.99 -24.14 -9.13
N ILE E 63 18.18 -25.04 -9.67
CA ILE E 63 18.72 -26.27 -10.26
C ILE E 63 19.20 -26.08 -11.71
N LEU E 64 19.20 -24.84 -12.18
CA LEU E 64 19.64 -24.54 -13.54
C LEU E 64 20.55 -23.30 -13.56
N LYS E 65 20.89 -22.80 -12.37
CA LYS E 65 21.75 -21.63 -12.24
C LYS E 65 23.21 -21.96 -12.57
N GLU F 1 -13.93 11.20 -16.65
CA GLU F 1 -13.40 9.99 -17.25
C GLU F 1 -11.96 10.19 -17.76
N THR F 2 -11.62 9.54 -18.86
CA THR F 2 -10.26 9.64 -19.40
C THR F 2 -10.16 10.28 -20.77
N PHE F 3 -9.09 11.05 -20.98
CA PHE F 3 -8.84 11.73 -22.24
C PHE F 3 -8.01 10.83 -23.13
N SER F 4 -7.97 9.54 -22.81
CA SER F 4 -7.22 8.58 -23.59
C SER F 4 -7.90 8.30 -24.92
N LYS F 5 -7.45 9.00 -25.95
CA LYS F 5 -8.00 8.87 -27.29
C LYS F 5 -8.01 7.42 -27.76
N ILE F 6 -7.26 6.57 -27.07
CA ILE F 6 -7.20 5.15 -27.44
C ILE F 6 -7.89 4.28 -26.41
N ARG F 7 -8.52 3.20 -26.89
CA ARG F 7 -9.23 2.25 -26.03
C ARG F 7 -8.58 0.88 -26.10
N VAL F 8 -8.28 0.31 -24.94
CA VAL F 8 -7.66 -1.01 -24.87
C VAL F 8 -8.48 -1.98 -24.04
N LYS F 9 -8.87 -3.10 -24.65
CA LYS F 9 -9.64 -4.11 -23.95
C LYS F 9 -8.75 -5.05 -23.14
N PRO F 10 -8.98 -5.14 -21.83
CA PRO F 10 -8.26 -5.96 -20.86
C PRO F 10 -7.76 -7.30 -21.36
N GLU F 11 -8.57 -7.99 -22.16
CA GLU F 11 -8.16 -9.28 -22.69
C GLU F 11 -6.77 -9.16 -23.30
N HIS F 12 -6.48 -7.99 -23.87
CA HIS F 12 -5.18 -7.74 -24.49
C HIS F 12 -4.07 -7.64 -23.44
N VAL F 13 -4.13 -6.62 -22.58
CA VAL F 13 -3.11 -6.46 -21.55
C VAL F 13 -2.79 -7.79 -20.89
N ILE F 14 -3.83 -8.59 -20.61
CA ILE F 14 -3.62 -9.89 -19.98
C ILE F 14 -2.74 -10.73 -20.91
N GLY F 15 -3.18 -10.92 -22.15
CA GLY F 15 -2.43 -11.69 -23.13
C GLY F 15 -1.04 -11.13 -23.39
N VAL F 16 -0.91 -9.80 -23.36
CA VAL F 16 0.37 -9.11 -23.57
C VAL F 16 1.30 -9.46 -22.42
N THR F 17 0.70 -9.70 -21.25
CA THR F 17 1.44 -10.04 -20.06
C THR F 17 1.88 -11.50 -20.19
N VAL F 18 0.98 -12.35 -20.67
CA VAL F 18 1.33 -13.77 -20.84
C VAL F 18 2.52 -13.77 -21.78
N ALA F 19 2.66 -12.68 -22.53
CA ALA F 19 3.77 -12.52 -23.46
C ALA F 19 5.05 -12.33 -22.66
N PHE F 20 5.14 -11.23 -21.91
CA PHE F 20 6.35 -10.98 -21.10
C PHE F 20 6.79 -12.26 -20.41
N VAL F 21 5.85 -12.95 -19.78
CA VAL F 21 6.20 -14.20 -19.09
C VAL F 21 6.91 -15.15 -20.04
N ILE F 22 6.19 -15.69 -21.02
CA ILE F 22 6.80 -16.63 -21.97
C ILE F 22 8.16 -16.19 -22.48
N ILE F 23 8.27 -14.96 -22.98
CA ILE F 23 9.53 -14.45 -23.51
C ILE F 23 10.67 -14.64 -22.53
N GLU F 24 10.66 -13.88 -21.42
CA GLU F 24 11.72 -13.98 -20.42
C GLU F 24 11.76 -15.31 -19.69
N ALA F 25 10.60 -15.94 -19.52
CA ALA F 25 10.54 -17.22 -18.83
C ALA F 25 11.38 -18.24 -19.60
N ILE F 26 11.58 -17.99 -20.90
CA ILE F 26 12.38 -18.86 -21.73
C ILE F 26 13.65 -18.13 -22.15
N LEU F 27 13.53 -16.81 -22.31
CA LEU F 27 14.66 -15.96 -22.69
C LEU F 27 15.77 -16.13 -21.67
N THR F 28 15.38 -16.37 -20.42
CA THR F 28 16.34 -16.52 -19.34
C THR F 28 16.62 -18.01 -19.09
N TYR F 29 15.64 -18.69 -18.51
CA TYR F 29 15.75 -20.10 -18.19
C TYR F 29 15.84 -20.94 -19.46
N GLY F 30 15.94 -22.26 -19.29
CA GLY F 30 16.05 -23.13 -20.45
C GLY F 30 17.31 -22.86 -21.26
N ARG F 31 18.28 -22.23 -20.61
CA ARG F 31 19.56 -21.88 -21.22
C ARG F 31 19.98 -22.87 -22.28
N PHE F 32 20.44 -22.34 -23.42
CA PHE F 32 20.89 -23.13 -24.56
C PHE F 32 19.68 -23.69 -25.31
#